data_8ZA0
#
_entry.id   8ZA0
#
_cell.length_a   72.082
_cell.length_b   36.570
_cell.length_c   113.940
_cell.angle_alpha   90.000
_cell.angle_beta   91.290
_cell.angle_gamma   90.000
#
_symmetry.space_group_name_H-M   'C 1 2 1'
#
loop_
_entity.id
_entity.type
_entity.pdbx_description
1 polymer "RNA (5'-R(*UP*CP*UP*GP*GP*GP*CP*CP*AP*GP*GP*CP*AP*GP*G)-3')"
2 polymer "RNA (5'-R(*UP*CP*UP*GP*GP*GP*CP*CP*AP*GP*GP*CP*AP*GP*G)-3')"
3 non-polymer 'MAGNESIUM ION'
4 water water
#
loop_
_entity_poly.entity_id
_entity_poly.type
_entity_poly.pdbx_seq_one_letter_code
_entity_poly.pdbx_strand_id
1 'polyribonucleotide' UCUGGGCCAGGCAGG A,C,E
2 'polyribonucleotide' CCUGCGCUCAACCAGA B,D,F
#
loop_
_chem_comp.id
_chem_comp.type
_chem_comp.name
_chem_comp.formula
A RNA linking ADENOSINE-5'-MONOPHOSPHATE 'C10 H14 N5 O7 P'
C RNA linking CYTIDINE-5'-MONOPHOSPHATE 'C9 H14 N3 O8 P'
G RNA linking GUANOSINE-5'-MONOPHOSPHATE 'C10 H14 N5 O8 P'
MG non-polymer 'MAGNESIUM ION' 'Mg 2'
U RNA linking URIDINE-5'-MONOPHOSPHATE 'C9 H13 N2 O9 P'
#
# COMPACT_ATOMS: atom_id res chain seq x y z
MG MG G . -6.48 -4.41 1.08
MG MG H . -8.01 11.30 -0.30
MG MG I . 9.30 28.16 2.80
MG MG J . 14.32 -3.23 -1.45
MG MG K . -9.13 -31.82 -2.13
#